data_3LJU
#
_entry.id   3LJU
#
_cell.length_a   51.727
_cell.length_b   66.414
_cell.length_c   127.219
_cell.angle_alpha   90.00
_cell.angle_beta   90.00
_cell.angle_gamma   90.00
#
_symmetry.space_group_name_H-M   'P 21 21 21'
#
loop_
_entity.id
_entity.type
_entity.pdbx_description
1 polymer 'Arf-GAP with dual PH domain-containing protein 1'
2 non-polymer 'ZINC ION'
3 non-polymer '(2R)-3-{[(R)-{[(1S,2S,3R,4S,5S,6S)-2,6-dihydroxy-3,4,5-tris(phosphonooxy)cyclohexyl]oxy}(hydroxy)phosphoryl]oxy}propane -1,2-diyl dioctanoate'
4 water water
#
_entity_poly.entity_id   1
_entity_poly.type   'polypeptide(L)'
_entity_poly.pdbx_seq_one_letter_code
;MHHHHHHSSGRENLYFQGKERRRAVLELLQRPGNARCADCGAPDPDWASYTLGVFICLSCSGIHRNIPQVSKVKSVRLDA
WEEAQVEFMASHGNDAARARFESKVPSFYYRPTPSDCQLLREQWIRAKYERQEFIYPEKQEPYSAGYREGFLWKRGRDNG
QFLSRKFVLTEREGALKYFNRNDAKEPKAVMKIEHLNATFQPAKIGHPHGLQVTYLKDNSTRNIFIYHEDGKEIVDWFNA
LRAARFHYLQVAFPGASDADLVPKLSRNYLKEGYMEKTGPKQTEGFRKRWFTMDDRRLMYFKDPLDAFARGEVFIGSKES
GYTVLHGFPPSTQGHHWPHGITIVTPDRKFLFACETESDQREWVAAFQKAVDRPMLPQEYAVEAHF
;
_entity_poly.pdbx_strand_id   X
#
loop_
_chem_comp.id
_chem_comp.type
_chem_comp.name
_chem_comp.formula
IP9 non-polymer '(2R)-3-{[(R)-{[(1S,2S,3R,4S,5S,6S)-2,6-dihydroxy-3,4,5-tris(phosphonooxy)cyclohexyl]oxy}(hydroxy)phosphoryl]oxy}propane -1,2-diyl dioctanoate' 'C25 H50 O22 P4'
ZN non-polymer 'ZINC ION' 'Zn 2'
#
# COMPACT_ATOMS: atom_id res chain seq x y z
N SER A 9 42.55 -38.21 -6.81
CA SER A 9 41.96 -38.50 -8.13
C SER A 9 40.45 -38.21 -8.20
N GLY A 10 39.84 -37.83 -7.06
CA GLY A 10 38.39 -37.56 -6.99
C GLY A 10 38.01 -36.46 -7.99
N ARG A 11 38.91 -35.47 -8.13
CA ARG A 11 38.68 -34.38 -9.11
C ARG A 11 38.55 -34.82 -10.58
N GLU A 12 38.97 -36.04 -10.91
CA GLU A 12 38.94 -36.50 -12.29
C GLU A 12 37.66 -37.24 -12.66
N ASN A 13 36.74 -37.39 -11.72
CA ASN A 13 35.61 -38.31 -11.97
C ASN A 13 34.27 -37.64 -12.24
N LEU A 14 33.30 -38.39 -12.79
CA LEU A 14 32.02 -37.82 -13.16
C LEU A 14 31.19 -37.39 -11.98
N TYR A 15 31.36 -37.99 -10.81
CA TYR A 15 30.59 -37.55 -9.64
C TYR A 15 31.02 -36.13 -9.25
N PHE A 16 32.32 -35.85 -9.29
CA PHE A 16 32.85 -34.52 -9.01
C PHE A 16 32.34 -33.49 -10.02
N GLN A 17 32.29 -33.84 -11.30
CA GLN A 17 31.81 -32.96 -12.34
C GLN A 17 30.38 -32.55 -12.06
N GLY A 18 29.54 -33.52 -11.69
CA GLY A 18 28.15 -33.25 -11.38
C GLY A 18 27.97 -32.40 -10.13
N LYS A 19 28.79 -32.65 -9.14
CA LYS A 19 28.67 -31.95 -7.86
C LYS A 19 29.00 -30.49 -8.10
N GLU A 20 30.02 -30.24 -8.92
CA GLU A 20 30.36 -28.85 -9.26
C GLU A 20 29.21 -28.11 -9.99
N ARG A 21 28.57 -28.78 -10.95
CA ARG A 21 27.37 -28.24 -11.65
C ARG A 21 26.29 -27.90 -10.65
N ARG A 22 26.01 -28.83 -9.72
CA ARG A 22 24.97 -28.58 -8.73
C ARG A 22 25.30 -27.43 -7.82
N ARG A 23 26.57 -27.35 -7.39
CA ARG A 23 27.02 -26.22 -6.55
C ARG A 23 26.87 -24.86 -7.26
N ALA A 24 27.21 -24.81 -8.55
CA ALA A 24 27.06 -23.58 -9.37
C ALA A 24 25.62 -23.03 -9.38
N VAL A 25 24.62 -23.92 -9.45
CA VAL A 25 23.20 -23.50 -9.44
C VAL A 25 22.89 -22.84 -8.11
N LEU A 26 23.21 -23.54 -7.03
CA LEU A 26 22.90 -23.04 -5.69
C LEU A 26 23.69 -21.81 -5.28
N GLU A 27 24.92 -21.67 -5.79
CA GLU A 27 25.79 -20.51 -5.53
CA GLU A 27 25.70 -20.50 -5.36
C GLU A 27 25.14 -19.20 -5.92
N LEU A 28 24.31 -19.25 -6.97
CA LEU A 28 23.67 -18.01 -7.45
C LEU A 28 22.75 -17.40 -6.38
N LEU A 29 22.14 -18.24 -5.54
CA LEU A 29 21.32 -17.69 -4.43
C LEU A 29 22.13 -17.10 -3.27
N GLN A 30 23.42 -17.36 -3.24
CA GLN A 30 24.30 -16.92 -2.15
C GLN A 30 25.07 -15.66 -2.55
N ARG A 31 24.73 -15.07 -3.69
CA ARG A 31 25.25 -13.76 -4.02
C ARG A 31 24.35 -12.71 -3.35
N PRO A 32 24.95 -11.70 -2.69
CA PRO A 32 24.16 -10.64 -1.98
C PRO A 32 23.04 -10.02 -2.80
N GLY A 33 23.29 -9.79 -4.09
CA GLY A 33 22.30 -9.12 -4.96
C GLY A 33 21.05 -9.97 -5.16
N ASN A 34 21.16 -11.27 -4.93
CA ASN A 34 20.03 -12.17 -5.12
C ASN A 34 19.38 -12.65 -3.81
N ALA A 35 19.63 -11.95 -2.69
CA ALA A 35 19.16 -12.40 -1.37
C ALA A 35 17.65 -12.24 -1.19
N ARG A 36 17.04 -11.38 -2.00
CA ARG A 36 15.58 -11.12 -1.91
C ARG A 36 14.91 -11.16 -3.28
N CYS A 37 13.62 -11.50 -3.27
CA CYS A 37 12.85 -11.51 -4.47
C CYS A 37 12.99 -10.19 -5.26
N ALA A 38 13.22 -10.31 -6.57
CA ALA A 38 13.44 -9.19 -7.46
C ALA A 38 12.24 -8.27 -7.51
N ASP A 39 11.06 -8.82 -7.26
CA ASP A 39 9.82 -8.11 -7.50
C ASP A 39 9.12 -7.58 -6.25
N CYS A 40 9.06 -8.36 -5.18
CA CYS A 40 8.40 -7.92 -3.93
C CYS A 40 9.33 -7.80 -2.70
N GLY A 41 10.60 -8.19 -2.84
CA GLY A 41 11.56 -8.12 -1.76
C GLY A 41 11.49 -9.18 -0.69
N ALA A 42 10.63 -10.18 -0.86
CA ALA A 42 10.58 -11.29 0.12
C ALA A 42 11.92 -11.98 0.24
N PRO A 43 12.29 -12.43 1.46
CA PRO A 43 13.63 -12.96 1.58
C PRO A 43 13.79 -14.37 1.00
N ASP A 44 15.00 -14.66 0.55
CA ASP A 44 15.36 -16.02 0.17
C ASP A 44 14.52 -16.58 -0.98
N PRO A 45 14.53 -15.92 -2.16
CA PRO A 45 13.80 -16.44 -3.32
C PRO A 45 14.33 -17.82 -3.81
N ASP A 46 13.41 -18.73 -4.08
CA ASP A 46 13.76 -20.10 -4.49
C ASP A 46 13.51 -20.36 -5.97
N TRP A 47 12.99 -19.36 -6.69
CA TRP A 47 12.57 -19.52 -8.08
C TRP A 47 13.33 -18.57 -8.97
N ALA A 48 13.34 -18.85 -10.26
CA ALA A 48 14.03 -17.99 -11.20
C ALA A 48 13.26 -17.91 -12.47
N SER A 49 13.20 -16.71 -13.05
CA SER A 49 12.87 -16.61 -14.45
C SER A 49 14.16 -16.73 -15.25
N TYR A 50 14.29 -17.77 -16.04
CA TYR A 50 15.52 -18.00 -16.79
C TYR A 50 15.54 -17.33 -18.18
N THR A 51 14.46 -16.61 -18.52
CA THR A 51 14.45 -15.72 -19.67
C THR A 51 14.70 -14.25 -19.28
N LEU A 52 14.26 -13.84 -18.10
CA LEU A 52 14.52 -12.48 -17.58
C LEU A 52 15.78 -12.40 -16.68
N GLY A 53 16.21 -13.53 -16.17
CA GLY A 53 17.41 -13.57 -15.35
C GLY A 53 17.21 -12.99 -13.97
N VAL A 54 16.04 -13.21 -13.37
CA VAL A 54 15.79 -12.77 -12.00
C VAL A 54 15.46 -13.92 -11.07
N PHE A 55 15.73 -13.70 -9.76
CA PHE A 55 15.41 -14.65 -8.73
C PHE A 55 14.21 -14.08 -7.97
N ILE A 56 13.17 -14.90 -7.84
CA ILE A 56 11.89 -14.42 -7.33
C ILE A 56 11.30 -15.45 -6.41
N CYS A 57 10.35 -15.01 -5.62
CA CYS A 57 9.70 -15.90 -4.67
C CYS A 57 8.65 -16.77 -5.31
N LEU A 58 8.15 -17.72 -4.53
CA LEU A 58 7.16 -18.66 -5.06
C LEU A 58 5.93 -17.90 -5.55
N SER A 59 5.42 -16.99 -4.74
CA SER A 59 4.26 -16.22 -5.14
C SER A 59 4.52 -15.45 -6.44
N CYS A 60 5.66 -14.77 -6.51
CA CYS A 60 5.96 -14.03 -7.76
C CYS A 60 6.15 -14.93 -8.95
N SER A 61 6.70 -16.13 -8.73
CA SER A 61 6.84 -17.08 -9.82
C SER A 61 5.49 -17.44 -10.46
N GLY A 62 4.46 -17.61 -9.66
CA GLY A 62 3.12 -17.78 -10.21
C GLY A 62 2.61 -16.63 -11.07
N ILE A 63 2.91 -15.39 -10.69
CA ILE A 63 2.53 -14.25 -11.48
C ILE A 63 3.27 -14.29 -12.83
N HIS A 64 4.57 -14.64 -12.80
CA HIS A 64 5.39 -14.74 -13.99
C HIS A 64 4.90 -15.83 -14.92
N ARG A 65 4.46 -16.93 -14.30
CA ARG A 65 4.09 -18.11 -15.06
C ARG A 65 2.99 -17.71 -15.99
N ASN A 66 2.24 -16.71 -15.56
CA ASN A 66 1.11 -16.15 -16.28
C ASN A 66 1.44 -15.05 -17.37
N ILE A 67 2.73 -14.73 -17.60
CA ILE A 67 3.18 -13.96 -18.79
C ILE A 67 4.18 -14.85 -19.57
N PRO A 68 3.72 -16.00 -20.09
CA PRO A 68 4.60 -17.03 -20.63
C PRO A 68 5.34 -16.65 -21.89
N GLN A 69 4.91 -15.58 -22.56
CA GLN A 69 5.64 -15.12 -23.74
C GLN A 69 6.90 -14.35 -23.35
N VAL A 70 6.93 -13.88 -22.11
CA VAL A 70 8.07 -13.09 -21.64
C VAL A 70 8.93 -13.85 -20.65
N SER A 71 8.27 -14.57 -19.74
CA SER A 71 8.94 -15.17 -18.59
C SER A 71 8.67 -16.64 -18.50
N LYS A 72 9.75 -17.40 -18.39
CA LYS A 72 9.66 -18.83 -18.10
C LYS A 72 10.34 -19.07 -16.79
N VAL A 73 9.69 -19.81 -15.90
CA VAL A 73 10.19 -19.94 -14.56
C VAL A 73 10.46 -21.38 -14.17
N LYS A 74 11.37 -21.54 -13.23
CA LYS A 74 11.53 -22.84 -12.61
C LYS A 74 12.30 -22.72 -11.30
N SER A 75 12.30 -23.81 -10.54
CA SER A 75 12.85 -23.81 -9.20
C SER A 75 14.37 -23.96 -9.23
N VAL A 76 15.07 -23.15 -8.45
CA VAL A 76 16.51 -23.16 -8.41
C VAL A 76 16.95 -24.44 -7.70
N ARG A 77 16.15 -24.87 -6.71
CA ARG A 77 16.50 -26.04 -5.90
C ARG A 77 15.97 -27.38 -6.42
N LEU A 78 14.83 -27.37 -7.09
CA LEU A 78 14.07 -28.61 -7.35
C LEU A 78 13.99 -29.02 -8.82
N ASP A 79 14.32 -28.11 -9.73
CA ASP A 79 14.24 -28.40 -11.17
C ASP A 79 15.61 -28.58 -11.77
N ALA A 80 15.67 -29.22 -12.95
CA ALA A 80 16.95 -29.38 -13.64
C ALA A 80 17.32 -28.11 -14.41
N TRP A 81 18.63 -27.83 -14.43
CA TRP A 81 19.19 -26.64 -15.09
C TRP A 81 20.22 -27.02 -16.11
N GLU A 82 20.13 -26.44 -17.29
CA GLU A 82 21.18 -26.56 -18.29
C GLU A 82 22.27 -25.60 -17.94
N GLU A 83 23.49 -25.94 -18.33
CA GLU A 83 24.64 -25.11 -18.07
C GLU A 83 24.49 -23.70 -18.58
N ALA A 84 23.99 -23.54 -19.83
CA ALA A 84 23.80 -22.22 -20.44
C ALA A 84 22.82 -21.40 -19.62
N GLN A 85 21.79 -22.06 -19.10
CA GLN A 85 20.80 -21.40 -18.23
C GLN A 85 21.40 -20.88 -16.94
N VAL A 86 22.23 -21.68 -16.28
CA VAL A 86 22.95 -21.22 -15.10
C VAL A 86 23.90 -20.05 -15.43
N GLU A 87 24.63 -20.19 -16.55
CA GLU A 87 25.50 -19.08 -17.01
C GLU A 87 24.71 -17.80 -17.33
N PHE A 88 23.48 -17.95 -17.85
CA PHE A 88 22.58 -16.80 -18.10
C PHE A 88 22.20 -16.14 -16.78
N MET A 89 21.84 -16.95 -15.78
CA MET A 89 21.46 -16.37 -14.47
C MET A 89 22.65 -15.65 -13.85
N ALA A 90 23.82 -16.22 -14.03
CA ALA A 90 25.05 -15.69 -13.41
C ALA A 90 25.46 -14.39 -14.06
N SER A 91 25.21 -14.24 -15.35
CA SER A 91 25.56 -12.99 -16.06
C SER A 91 24.46 -11.94 -15.93
N HIS A 92 23.29 -12.35 -15.46
CA HIS A 92 22.18 -11.44 -15.19
C HIS A 92 22.00 -11.33 -13.66
N GLY A 93 20.84 -11.72 -13.12
CA GLY A 93 20.57 -11.64 -11.72
C GLY A 93 19.81 -10.41 -11.33
N ASN A 94 19.55 -10.24 -10.04
CA ASN A 94 18.68 -9.16 -9.58
C ASN A 94 19.27 -7.75 -9.66
N ASP A 95 20.57 -7.60 -9.40
CA ASP A 95 21.22 -6.29 -9.59
C ASP A 95 21.14 -5.90 -11.05
N ALA A 96 21.45 -6.85 -11.96
CA ALA A 96 21.39 -6.56 -13.40
C ALA A 96 20.01 -6.11 -13.83
N ALA A 97 19.00 -6.79 -13.28
CA ALA A 97 17.64 -6.45 -13.57
C ALA A 97 17.24 -5.06 -13.10
N ARG A 98 17.73 -4.67 -11.94
CA ARG A 98 17.49 -3.37 -11.38
C ARG A 98 18.06 -2.32 -12.29
N ALA A 99 19.28 -2.57 -12.78
CA ALA A 99 19.89 -1.64 -13.68
C ALA A 99 19.23 -1.59 -15.07
N ARG A 100 18.59 -2.68 -15.48
CA ARG A 100 17.92 -2.73 -16.78
C ARG A 100 16.43 -2.40 -16.70
N PHE A 101 15.69 -3.28 -16.04
CA PHE A 101 14.25 -3.18 -15.97
C PHE A 101 13.73 -2.08 -15.02
N GLU A 102 14.57 -1.62 -14.10
CA GLU A 102 14.24 -0.53 -13.20
C GLU A 102 15.19 0.67 -13.46
N SER A 103 15.59 0.82 -14.71
CA SER A 103 16.51 1.87 -15.05
C SER A 103 15.92 3.27 -14.75
N LYS A 104 14.64 3.49 -15.12
CA LYS A 104 14.01 4.81 -15.05
CA LYS A 104 14.01 4.83 -15.02
C LYS A 104 12.65 4.73 -14.34
N VAL A 105 12.68 4.31 -13.09
CA VAL A 105 11.45 4.21 -12.29
C VAL A 105 11.28 5.57 -11.62
N PRO A 106 10.14 6.24 -11.85
CA PRO A 106 9.94 7.56 -11.22
C PRO A 106 9.93 7.47 -9.72
N SER A 107 10.40 8.51 -9.03
CA SER A 107 10.57 8.44 -7.57
C SER A 107 9.21 8.24 -6.85
N PHE A 108 8.15 8.69 -7.50
CA PHE A 108 6.79 8.58 -6.92
C PHE A 108 6.15 7.25 -7.10
N TYR A 109 6.71 6.41 -7.97
CA TYR A 109 6.02 5.12 -8.29
C TYR A 109 5.99 4.17 -7.10
N TYR A 110 4.80 3.63 -6.80
CA TYR A 110 4.63 2.77 -5.67
C TYR A 110 5.26 1.40 -5.91
N ARG A 111 6.13 0.99 -4.99
CA ARG A 111 6.80 -0.31 -5.12
CA ARG A 111 6.84 -0.29 -5.09
C ARG A 111 6.16 -1.28 -4.16
N PRO A 112 5.54 -2.31 -4.70
CA PRO A 112 4.77 -3.20 -3.82
C PRO A 112 5.63 -4.08 -2.90
N THR A 113 4.99 -4.60 -1.88
CA THR A 113 5.62 -5.49 -0.90
C THR A 113 4.73 -6.76 -0.84
N PRO A 114 5.17 -7.83 -0.13
CA PRO A 114 4.32 -9.02 -0.04
C PRO A 114 2.94 -8.79 0.58
N SER A 115 2.83 -7.79 1.45
CA SER A 115 1.53 -7.50 2.06
C SER A 115 0.48 -6.92 1.10
N ASP A 116 0.92 -6.36 -0.03
CA ASP A 116 0.01 -5.72 -0.96
C ASP A 116 -0.88 -6.69 -1.74
N CYS A 117 -1.99 -6.17 -2.27
CA CYS A 117 -2.92 -6.98 -3.02
C CYS A 117 -2.28 -7.53 -4.29
N GLN A 118 -2.93 -8.55 -4.85
CA GLN A 118 -2.49 -9.18 -6.08
C GLN A 118 -2.33 -8.17 -7.24
N LEU A 119 -3.27 -7.23 -7.35
CA LEU A 119 -3.26 -6.26 -8.46
C LEU A 119 -1.93 -5.51 -8.48
N LEU A 120 -1.48 -5.09 -7.31
CA LEU A 120 -0.27 -4.22 -7.25
C LEU A 120 0.97 -5.03 -7.63
N ARG A 121 1.04 -6.21 -7.08
CA ARG A 121 2.21 -7.05 -7.33
C ARG A 121 2.23 -7.49 -8.82
N GLU A 122 1.08 -7.83 -9.34
CA GLU A 122 0.97 -8.25 -10.77
C GLU A 122 1.32 -7.13 -11.73
N GLN A 123 0.77 -5.92 -11.49
CA GLN A 123 1.01 -4.85 -12.40
C GLN A 123 2.45 -4.33 -12.32
N TRP A 124 3.11 -4.55 -11.18
CA TRP A 124 4.52 -4.18 -11.01
C TRP A 124 5.36 -5.04 -11.93
N ILE A 125 5.11 -6.34 -11.88
CA ILE A 125 5.76 -7.30 -12.74
C ILE A 125 5.48 -7.04 -14.23
N ARG A 126 4.22 -6.78 -14.58
CA ARG A 126 3.87 -6.47 -15.97
C ARG A 126 4.51 -5.17 -16.47
N ALA A 127 4.50 -4.11 -15.63
CA ALA A 127 5.12 -2.84 -16.01
C ALA A 127 6.60 -3.01 -16.29
N LYS A 128 7.28 -3.82 -15.46
CA LYS A 128 8.73 -3.97 -15.57
C LYS A 128 9.07 -4.82 -16.79
N TYR A 129 8.41 -5.96 -16.93
CA TYR A 129 8.96 -6.94 -17.86
C TYR A 129 8.19 -7.11 -19.13
N GLU A 130 6.88 -6.83 -19.06
CA GLU A 130 6.00 -7.02 -20.19
C GLU A 130 5.91 -5.74 -21.00
N ARG A 131 5.48 -4.65 -20.34
CA ARG A 131 5.35 -3.35 -20.97
C ARG A 131 6.69 -2.63 -21.04
N GLN A 132 7.64 -3.03 -20.18
CA GLN A 132 8.95 -2.40 -20.12
C GLN A 132 8.90 -0.89 -19.93
N GLU A 133 8.01 -0.45 -19.05
CA GLU A 133 7.79 0.98 -18.80
C GLU A 133 8.98 1.76 -18.25
N PHE A 134 9.95 1.07 -17.61
CA PHE A 134 11.05 1.73 -16.95
C PHE A 134 12.34 1.60 -17.78
N ILE A 135 12.20 0.94 -18.92
CA ILE A 135 13.24 0.93 -20.00
C ILE A 135 12.93 2.04 -21.00
N TYR A 136 11.65 2.16 -21.39
CA TYR A 136 11.15 3.12 -22.39
C TYR A 136 10.25 4.14 -21.71
N PRO A 137 10.84 5.25 -21.22
CA PRO A 137 10.11 6.17 -20.33
C PRO A 137 8.93 6.94 -20.97
N GLU A 138 8.85 6.96 -22.29
CA GLU A 138 7.71 7.63 -22.90
C GLU A 138 6.42 6.88 -22.56
N LYS A 139 6.55 5.60 -22.19
CA LYS A 139 5.40 4.82 -21.77
C LYS A 139 4.82 5.29 -20.44
N GLN A 140 5.58 6.09 -19.71
CA GLN A 140 5.16 6.61 -18.41
C GLN A 140 4.24 7.83 -18.51
N GLU A 141 4.07 8.36 -19.72
CA GLU A 141 3.37 9.65 -19.87
C GLU A 141 1.93 9.63 -19.38
N PRO A 142 1.23 8.50 -19.55
CA PRO A 142 -0.16 8.44 -19.07
C PRO A 142 -0.36 8.81 -17.62
N TYR A 143 0.61 8.52 -16.76
CA TYR A 143 0.56 8.88 -15.36
C TYR A 143 1.63 9.87 -14.90
N SER A 144 2.61 10.25 -15.75
CA SER A 144 3.71 11.16 -15.33
C SER A 144 3.59 12.59 -15.84
N ALA A 145 2.62 12.86 -16.69
CA ALA A 145 2.54 14.16 -17.37
C ALA A 145 1.83 15.26 -16.57
N GLY A 146 1.27 14.93 -15.41
CA GLY A 146 0.60 15.95 -14.59
C GLY A 146 -0.86 16.21 -14.98
N TYR A 147 -1.37 15.42 -15.91
CA TYR A 147 -2.74 15.50 -16.37
C TYR A 147 -3.17 14.11 -16.81
N ARG A 148 -4.34 13.70 -16.30
CA ARG A 148 -4.90 12.41 -16.60
C ARG A 148 -6.40 12.52 -16.52
N GLU A 149 -7.06 12.06 -17.58
CA GLU A 149 -8.50 11.95 -17.58
C GLU A 149 -8.95 10.55 -18.02
N GLY A 150 -10.13 10.17 -17.58
CA GLY A 150 -10.69 8.91 -17.95
C GLY A 150 -11.92 8.60 -17.12
N PHE A 151 -12.67 7.61 -17.57
CA PHE A 151 -13.84 7.13 -16.86
C PHE A 151 -13.51 6.02 -15.89
N LEU A 152 -14.15 6.08 -14.71
CA LEU A 152 -14.00 5.07 -13.68
C LEU A 152 -15.39 4.73 -13.18
N TRP A 153 -15.54 3.52 -12.66
CA TRP A 153 -16.76 3.09 -11.97
C TRP A 153 -16.73 3.60 -10.53
N LYS A 154 -17.70 4.46 -10.17
CA LYS A 154 -17.73 5.09 -8.86
C LYS A 154 -18.96 4.66 -8.05
N ARG A 155 -18.76 4.28 -6.79
CA ARG A 155 -19.90 3.95 -5.91
CA ARG A 155 -19.90 3.95 -5.90
C ARG A 155 -20.71 5.21 -5.59
N GLY A 156 -22.03 5.06 -5.51
CA GLY A 156 -22.88 6.13 -5.06
C GLY A 156 -22.63 6.39 -3.57
N ARG A 157 -22.91 7.59 -3.13
CA ARG A 157 -22.75 8.00 -1.74
C ARG A 157 -23.43 7.02 -0.79
N ASP A 158 -24.70 6.75 -1.08
CA ASP A 158 -25.53 5.88 -0.23
C ASP A 158 -26.20 4.71 -0.94
N ASN A 159 -26.22 4.69 -2.27
CA ASN A 159 -27.11 3.78 -3.02
C ASN A 159 -26.56 2.38 -3.37
N GLY A 160 -25.31 2.08 -3.07
CA GLY A 160 -24.74 0.75 -3.36
C GLY A 160 -24.33 0.48 -4.81
N GLN A 161 -24.68 1.37 -5.74
CA GLN A 161 -24.49 1.11 -7.16
C GLN A 161 -23.19 1.77 -7.63
N PHE A 162 -22.54 1.18 -8.62
CA PHE A 162 -21.35 1.80 -9.27
C PHE A 162 -21.78 2.35 -10.64
N LEU A 163 -21.46 3.63 -10.89
CA LEU A 163 -21.80 4.30 -12.12
C LEU A 163 -20.55 4.87 -12.77
N SER A 164 -20.62 4.97 -14.10
CA SER A 164 -19.45 5.47 -14.88
C SER A 164 -19.35 7.00 -14.75
N ARG A 165 -18.20 7.48 -14.29
CA ARG A 165 -17.97 8.91 -14.10
C ARG A 165 -16.61 9.27 -14.70
N LYS A 166 -16.54 10.42 -15.35
CA LYS A 166 -15.28 11.01 -15.84
C LYS A 166 -14.51 11.72 -14.69
N PHE A 167 -13.28 11.27 -14.47
CA PHE A 167 -12.37 11.86 -13.52
C PHE A 167 -11.29 12.61 -14.29
N VAL A 168 -10.82 13.69 -13.72
CA VAL A 168 -9.70 14.44 -14.30
C VAL A 168 -8.76 14.79 -13.16
N LEU A 169 -7.50 14.37 -13.27
CA LEU A 169 -6.49 14.78 -12.28
C LEU A 169 -5.60 15.79 -12.96
N THR A 170 -5.56 17.01 -12.44
CA THR A 170 -4.85 18.10 -13.10
C THR A 170 -3.96 18.79 -12.07
N GLU A 171 -2.66 18.61 -12.22
CA GLU A 171 -1.74 19.26 -11.31
C GLU A 171 -1.82 20.79 -11.45
N ARG A 172 -2.09 21.28 -12.67
CA ARG A 172 -2.16 22.74 -12.95
C ARG A 172 -3.29 23.40 -12.14
N GLU A 173 -4.36 22.66 -11.91
CA GLU A 173 -5.45 23.16 -11.08
C GLU A 173 -5.35 22.69 -9.64
N GLY A 174 -4.41 21.78 -9.38
CA GLY A 174 -4.11 21.33 -8.03
C GLY A 174 -5.19 20.43 -7.48
N ALA A 175 -5.89 19.73 -8.37
CA ALA A 175 -7.08 18.96 -7.96
C ALA A 175 -7.34 17.68 -8.75
N LEU A 176 -8.08 16.81 -8.10
CA LEU A 176 -8.81 15.74 -8.73
C LEU A 176 -10.26 16.13 -8.75
N LYS A 177 -10.88 16.04 -9.91
CA LYS A 177 -12.27 16.39 -10.06
C LYS A 177 -12.96 15.28 -10.78
N TYR A 178 -14.28 15.23 -10.60
CA TYR A 178 -15.06 14.36 -11.40
C TYR A 178 -16.40 14.97 -11.75
N PHE A 179 -17.01 14.39 -12.78
CA PHE A 179 -18.25 14.91 -13.36
C PHE A 179 -19.29 13.78 -13.36
N ASN A 180 -20.55 14.15 -13.12
CA ASN A 180 -21.62 13.19 -13.11
C ASN A 180 -22.76 13.54 -14.09
N GLU A 186 -18.90 21.81 -15.55
CA GLU A 186 -19.10 21.97 -14.11
C GLU A 186 -18.90 20.64 -13.34
N PRO A 187 -17.80 20.52 -12.59
CA PRO A 187 -17.57 19.22 -11.92
C PRO A 187 -18.53 19.02 -10.77
N LYS A 188 -18.76 17.77 -10.44
CA LYS A 188 -19.54 17.41 -9.27
C LYS A 188 -18.73 17.73 -8.00
N ALA A 189 -17.42 17.52 -8.09
CA ALA A 189 -16.52 17.75 -6.96
C ALA A 189 -15.14 18.13 -7.46
N VAL A 190 -14.51 19.04 -6.72
CA VAL A 190 -13.13 19.47 -6.99
C VAL A 190 -12.39 19.21 -5.69
N MET A 191 -11.45 18.28 -5.75
CA MET A 191 -10.77 17.82 -4.58
C MET A 191 -9.28 18.19 -4.62
N LYS A 192 -8.89 19.07 -3.70
CA LYS A 192 -7.53 19.58 -3.68
C LYS A 192 -6.54 18.47 -3.33
N ILE A 193 -5.39 18.45 -4.02
CA ILE A 193 -4.40 17.37 -3.86
C ILE A 193 -3.86 17.29 -2.42
N GLU A 194 -3.77 18.43 -1.73
CA GLU A 194 -3.24 18.47 -0.38
C GLU A 194 -4.04 17.65 0.59
N HIS A 195 -5.32 17.48 0.30
CA HIS A 195 -6.24 16.77 1.14
C HIS A 195 -6.61 15.35 0.67
N LEU A 196 -5.94 14.85 -0.38
CA LEU A 196 -6.23 13.53 -0.96
C LEU A 196 -5.32 12.44 -0.45
N ASN A 197 -5.90 11.25 -0.25
CA ASN A 197 -5.15 10.00 -0.11
C ASN A 197 -5.84 8.90 -0.92
N ALA A 198 -5.14 7.81 -1.13
CA ALA A 198 -5.71 6.69 -1.87
C ALA A 198 -4.99 5.44 -1.42
N THR A 199 -5.76 4.36 -1.31
CA THR A 199 -5.26 3.03 -0.92
CA THR A 199 -5.23 3.04 -0.98
C THR A 199 -6.06 1.97 -1.67
N PHE A 200 -5.41 0.90 -2.14
CA PHE A 200 -6.20 -0.19 -2.71
C PHE A 200 -6.91 -0.97 -1.62
N GLN A 201 -8.20 -1.21 -1.82
CA GLN A 201 -9.04 -1.92 -0.86
C GLN A 201 -9.97 -2.93 -1.56
N PRO A 202 -9.37 -3.92 -2.26
CA PRO A 202 -10.24 -4.79 -3.08
C PRO A 202 -11.26 -5.58 -2.26
N ALA A 203 -10.87 -6.01 -1.07
CA ALA A 203 -11.76 -6.88 -0.26
C ALA A 203 -12.92 -6.06 0.27
N LYS A 204 -12.63 -4.85 0.69
CA LYS A 204 -13.68 -3.96 1.22
C LYS A 204 -14.68 -3.54 0.13
N ILE A 205 -14.16 -3.18 -1.03
CA ILE A 205 -14.97 -2.71 -2.16
C ILE A 205 -15.72 -3.85 -2.91
N GLY A 206 -15.20 -5.05 -2.81
CA GLY A 206 -15.79 -6.23 -3.49
C GLY A 206 -15.44 -6.32 -4.96
N HIS A 207 -14.27 -5.81 -5.32
CA HIS A 207 -13.79 -5.87 -6.70
C HIS A 207 -12.27 -5.90 -6.61
N PRO A 208 -11.60 -6.79 -7.39
CA PRO A 208 -10.15 -6.88 -7.26
C PRO A 208 -9.39 -5.63 -7.62
N HIS A 209 -10.03 -4.69 -8.30
CA HIS A 209 -9.37 -3.47 -8.77
C HIS A 209 -9.88 -2.24 -8.01
N GLY A 210 -10.51 -2.49 -6.87
CA GLY A 210 -11.06 -1.42 -6.03
C GLY A 210 -10.01 -0.56 -5.32
N LEU A 211 -10.12 0.74 -5.55
CA LEU A 211 -9.31 1.76 -4.95
C LEU A 211 -10.20 2.68 -4.09
N GLN A 212 -9.80 2.93 -2.85
CA GLN A 212 -10.46 3.89 -1.98
C GLN A 212 -9.73 5.22 -2.02
N VAL A 213 -10.44 6.28 -2.39
CA VAL A 213 -9.86 7.62 -2.44
C VAL A 213 -10.52 8.43 -1.32
N THR A 214 -9.71 9.11 -0.51
CA THR A 214 -10.29 9.93 0.54
C THR A 214 -9.94 11.39 0.38
N TYR A 215 -10.88 12.22 0.81
CA TYR A 215 -10.75 13.64 0.67
C TYR A 215 -11.17 14.30 1.99
N LEU A 216 -10.34 15.19 2.50
CA LEU A 216 -10.59 15.86 3.77
C LEU A 216 -11.05 17.26 3.50
N LYS A 217 -12.28 17.56 3.92
CA LYS A 217 -12.79 18.93 3.91
C LYS A 217 -13.52 19.22 5.23
N ASP A 218 -13.19 20.35 5.85
CA ASP A 218 -13.87 20.79 7.07
C ASP A 218 -13.59 19.82 8.23
N ASN A 219 -12.39 19.25 8.22
CA ASN A 219 -12.02 18.16 9.13
C ASN A 219 -12.98 16.95 9.09
N SER A 220 -13.69 16.76 7.96
CA SER A 220 -14.51 15.57 7.73
C SER A 220 -13.96 14.82 6.48
N THR A 221 -13.65 13.55 6.65
CA THR A 221 -13.13 12.75 5.54
C THR A 221 -14.27 12.12 4.72
N ARG A 222 -14.30 12.41 3.43
CA ARG A 222 -15.12 11.66 2.47
C ARG A 222 -14.40 10.46 1.90
N ASN A 223 -15.06 9.30 1.86
CA ASN A 223 -14.60 8.10 1.16
C ASN A 223 -15.23 8.01 -0.24
N ILE A 224 -14.40 7.93 -1.26
CA ILE A 224 -14.82 7.65 -2.64
C ILE A 224 -14.33 6.26 -3.02
N PHE A 225 -15.17 5.42 -3.64
CA PHE A 225 -14.77 4.03 -3.90
C PHE A 225 -14.91 3.80 -5.41
N ILE A 226 -13.80 3.51 -6.09
CA ILE A 226 -13.78 3.41 -7.55
C ILE A 226 -13.09 2.14 -7.99
N TYR A 227 -13.38 1.73 -9.21
CA TYR A 227 -12.59 0.71 -9.85
C TYR A 227 -12.60 0.89 -11.37
N HIS A 228 -11.66 0.21 -12.01
CA HIS A 228 -11.62 0.13 -13.49
C HIS A 228 -11.52 -1.35 -13.83
N GLU A 229 -12.15 -1.78 -14.92
CA GLU A 229 -12.06 -3.20 -15.29
C GLU A 229 -10.63 -3.61 -15.65
N ASP A 230 -9.87 -2.65 -16.16
CA ASP A 230 -8.47 -2.85 -16.56
C ASP A 230 -7.53 -2.49 -15.41
N GLY A 231 -6.83 -3.49 -14.91
CA GLY A 231 -5.89 -3.37 -13.79
C GLY A 231 -4.79 -2.36 -14.05
N LYS A 232 -4.31 -2.28 -15.28
CA LYS A 232 -3.26 -1.30 -15.62
C LYS A 232 -3.79 0.14 -15.44
N GLU A 233 -5.02 0.35 -15.86
CA GLU A 233 -5.58 1.68 -15.78
C GLU A 233 -5.79 2.18 -14.33
N ILE A 234 -6.25 1.31 -13.42
CA ILE A 234 -6.43 1.74 -12.03
C ILE A 234 -5.10 1.97 -11.30
N VAL A 235 -4.10 1.16 -11.61
CA VAL A 235 -2.81 1.32 -11.01
C VAL A 235 -2.16 2.59 -11.56
N ASP A 236 -2.41 2.90 -12.84
CA ASP A 236 -1.88 4.14 -13.44
C ASP A 236 -2.57 5.38 -12.77
N TRP A 237 -3.88 5.29 -12.44
CA TRP A 237 -4.52 6.39 -11.66
C TRP A 237 -3.86 6.55 -10.27
N PHE A 238 -3.59 5.45 -9.60
CA PHE A 238 -2.99 5.45 -8.28
C PHE A 238 -1.62 6.14 -8.34
N ASN A 239 -0.79 5.74 -9.27
CA ASN A 239 0.53 6.37 -9.42
C ASN A 239 0.48 7.82 -9.91
N ALA A 240 -0.50 8.16 -10.76
CA ALA A 240 -0.74 9.55 -11.14
C ALA A 240 -1.09 10.42 -9.92
N LEU A 241 -1.94 9.89 -9.05
CA LEU A 241 -2.26 10.57 -7.80
C LEU A 241 -1.04 10.72 -6.93
N ARG A 242 -0.18 9.71 -6.85
CA ARG A 242 1.10 9.82 -6.12
C ARG A 242 2.03 10.86 -6.74
N ALA A 243 2.03 10.94 -8.05
CA ALA A 243 2.86 11.93 -8.78
C ALA A 243 2.36 13.33 -8.41
N ALA A 244 1.05 13.52 -8.46
CA ALA A 244 0.45 14.83 -8.09
C ALA A 244 0.77 15.23 -6.64
N ARG A 245 0.62 14.27 -5.71
CA ARG A 245 0.97 14.43 -4.33
C ARG A 245 2.44 14.84 -4.17
N PHE A 246 3.31 14.21 -4.94
CA PHE A 246 4.75 14.45 -4.93
C PHE A 246 5.04 15.91 -5.30
N HIS A 247 4.41 16.37 -6.37
CA HIS A 247 4.66 17.75 -6.83
C HIS A 247 4.06 18.78 -5.90
N TYR A 248 2.88 18.50 -5.36
CA TYR A 248 2.35 19.34 -4.32
C TYR A 248 3.33 19.41 -3.09
N LEU A 249 3.83 18.26 -2.63
CA LEU A 249 4.63 18.26 -1.41
C LEU A 249 5.98 18.99 -1.60
N GLN A 250 6.51 18.92 -2.81
CA GLN A 250 7.77 19.63 -3.10
C GLN A 250 7.55 21.12 -2.93
N VAL A 251 6.34 21.56 -3.22
CA VAL A 251 5.97 22.98 -3.13
C VAL A 251 5.69 23.36 -1.70
N ALA A 252 4.93 22.54 -0.96
CA ALA A 252 4.62 22.85 0.45
C ALA A 252 5.80 22.68 1.41
N PHE A 253 6.79 21.86 1.04
CA PHE A 253 7.94 21.52 1.86
C PHE A 253 9.23 21.72 1.05
N PRO A 254 9.49 22.96 0.64
CA PRO A 254 10.67 23.23 -0.15
C PRO A 254 11.90 22.93 0.71
N GLY A 255 12.94 22.40 0.11
CA GLY A 255 14.09 21.92 0.89
C GLY A 255 13.88 20.65 1.72
N ALA A 256 12.72 20.00 1.62
CA ALA A 256 12.62 18.59 2.03
C ALA A 256 13.21 17.84 0.85
N SER A 257 14.01 16.80 1.10
CA SER A 257 14.55 16.01 -0.02
C SER A 257 13.45 15.17 -0.69
N ASP A 258 13.71 14.69 -1.89
CA ASP A 258 12.77 13.79 -2.57
C ASP A 258 12.47 12.56 -1.67
N ALA A 259 13.52 11.91 -1.15
CA ALA A 259 13.36 10.75 -0.26
C ALA A 259 12.49 11.02 0.95
N ASP A 260 12.62 12.23 1.53
CA ASP A 260 11.79 12.68 2.65
C ASP A 260 10.32 12.60 2.29
N LEU A 261 10.01 12.88 1.03
CA LEU A 261 8.62 13.06 0.60
C LEU A 261 7.92 11.75 0.20
N VAL A 262 8.69 10.77 -0.27
CA VAL A 262 8.10 9.55 -0.86
C VAL A 262 7.17 8.76 0.09
N PRO A 263 7.51 8.66 1.41
CA PRO A 263 6.59 8.02 2.33
C PRO A 263 5.26 8.73 2.56
N LYS A 264 5.15 10.00 2.15
CA LYS A 264 3.99 10.81 2.40
C LYS A 264 3.02 10.84 1.23
N LEU A 265 3.41 10.27 0.09
CA LEU A 265 2.65 10.49 -1.16
C LEU A 265 1.26 9.90 -1.03
N SER A 266 1.22 8.67 -0.55
CA SER A 266 -0.05 8.02 -0.20
C SER A 266 0.24 7.12 1.00
N ARG A 267 -0.80 6.86 1.80
CA ARG A 267 -0.63 6.17 3.05
C ARG A 267 -1.59 5.04 3.10
N ASN A 268 -1.06 3.84 3.28
CA ASN A 268 -1.87 2.70 3.63
C ASN A 268 -2.27 2.80 5.10
N TYR A 269 -3.36 2.15 5.46
CA TYR A 269 -3.85 2.27 6.80
C TYR A 269 -3.05 1.38 7.70
N LEU A 270 -2.77 1.86 8.91
CA LEU A 270 -1.92 1.11 9.84
C LEU A 270 -2.72 -0.09 10.36
N LYS A 271 -4.02 0.10 10.51
CA LYS A 271 -4.90 -0.95 10.94
C LYS A 271 -6.32 -0.56 10.64
N GLU A 272 -7.14 -1.55 10.35
CA GLU A 272 -8.57 -1.42 10.25
C GLU A 272 -9.25 -2.63 10.83
N GLY A 273 -10.51 -2.45 11.22
CA GLY A 273 -11.27 -3.57 11.73
C GLY A 273 -12.39 -3.13 12.59
N TYR A 274 -13.25 -4.07 12.97
CA TYR A 274 -14.36 -3.76 13.86
C TYR A 274 -13.93 -3.70 15.32
N MET A 275 -14.47 -2.72 16.03
CA MET A 275 -14.39 -2.66 17.50
C MET A 275 -15.72 -2.14 17.99
N GLU A 276 -16.02 -2.34 19.27
CA GLU A 276 -17.16 -1.72 19.88
C GLU A 276 -16.72 -0.46 20.61
N LYS A 277 -17.54 0.59 20.58
CA LYS A 277 -17.24 1.80 21.35
C LYS A 277 -18.45 2.36 22.04
N THR A 278 -18.18 3.09 23.12
CA THR A 278 -19.23 3.83 23.82
C THR A 278 -19.10 5.33 23.55
N GLY A 279 -19.96 6.12 24.16
CA GLY A 279 -20.01 7.55 23.92
C GLY A 279 -19.20 8.30 24.98
N PRO A 280 -19.29 9.64 24.95
CA PRO A 280 -18.54 10.50 25.87
C PRO A 280 -18.81 10.26 27.36
N LYS A 281 -20.01 9.80 27.71
CA LYS A 281 -20.37 9.57 29.12
C LYS A 281 -19.78 8.25 29.65
N GLN A 282 -19.47 7.34 28.72
CA GLN A 282 -19.02 5.96 28.99
C GLN A 282 -20.14 5.02 29.47
N THR A 283 -21.35 5.54 29.58
CA THR A 283 -22.50 4.73 30.01
C THR A 283 -23.54 4.53 28.87
N GLU A 284 -23.29 5.07 27.66
CA GLU A 284 -24.32 5.13 26.60
C GLU A 284 -24.74 3.81 26.00
N GLY A 285 -23.88 2.80 26.11
CA GLY A 285 -24.08 1.57 25.33
C GLY A 285 -22.96 1.43 24.30
N PHE A 286 -22.53 0.19 24.06
CA PHE A 286 -21.45 -0.09 23.10
C PHE A 286 -22.01 -0.39 21.72
N ARG A 287 -21.37 0.15 20.68
CA ARG A 287 -21.83 0.03 19.33
C ARG A 287 -20.69 -0.45 18.49
N LYS A 288 -20.94 -1.44 17.65
CA LYS A 288 -19.94 -1.91 16.69
C LYS A 288 -19.73 -0.88 15.62
N ARG A 289 -18.46 -0.55 15.38
CA ARG A 289 -18.06 0.34 14.32
C ARG A 289 -16.85 -0.27 13.59
N TRP A 290 -16.73 0.03 12.31
CA TRP A 290 -15.52 -0.25 11.52
C TRP A 290 -14.59 0.93 11.77
N PHE A 291 -13.37 0.65 12.26
CA PHE A 291 -12.38 1.64 12.53
C PHE A 291 -11.28 1.56 11.47
N THR A 292 -10.75 2.72 11.13
CA THR A 292 -9.60 2.88 10.25
C THR A 292 -8.67 3.86 10.89
N MET A 293 -7.41 3.47 11.02
CA MET A 293 -6.39 4.33 11.53
C MET A 293 -5.49 4.78 10.36
N ASP A 294 -5.55 6.07 10.06
CA ASP A 294 -4.71 6.69 9.03
C ASP A 294 -3.74 7.69 9.65
N ASP A 295 -2.54 7.22 9.95
CA ASP A 295 -1.51 8.11 10.50
C ASP A 295 -1.95 8.44 11.93
N ARG A 296 -2.46 9.64 12.17
CA ARG A 296 -2.99 10.00 13.48
C ARG A 296 -4.51 10.19 13.48
N ARG A 297 -5.16 9.99 12.33
CA ARG A 297 -6.59 10.16 12.25
C ARG A 297 -7.29 8.80 12.38
N LEU A 298 -8.10 8.65 13.43
CA LEU A 298 -8.84 7.44 13.68
C LEU A 298 -10.28 7.72 13.32
N MET A 299 -10.80 6.99 12.35
CA MET A 299 -12.17 7.23 11.86
C MET A 299 -12.98 6.00 12.15
N TYR A 300 -14.23 6.17 12.59
CA TYR A 300 -15.13 5.03 12.81
C TYR A 300 -16.43 5.23 12.03
N PHE A 301 -16.91 4.12 11.44
CA PHE A 301 -18.04 4.09 10.49
C PHE A 301 -19.01 3.02 10.93
N LYS A 302 -20.28 3.16 10.60
CA LYS A 302 -21.21 2.07 10.84
C LYS A 302 -20.91 0.87 9.90
N ASP A 303 -20.61 1.19 8.63
CA ASP A 303 -20.25 0.20 7.65
C ASP A 303 -18.97 0.68 6.95
N PRO A 304 -18.09 -0.26 6.55
CA PRO A 304 -16.83 0.16 5.89
C PRO A 304 -17.03 0.95 4.59
N LEU A 305 -18.15 0.73 3.90
CA LEU A 305 -18.40 1.43 2.66
C LEU A 305 -19.22 2.69 2.81
N ASP A 306 -19.39 3.17 4.04
CA ASP A 306 -20.05 4.45 4.27
C ASP A 306 -19.22 5.59 3.63
N ALA A 307 -19.91 6.61 3.13
CA ALA A 307 -19.23 7.80 2.57
C ALA A 307 -18.52 8.64 3.64
N PHE A 308 -19.16 8.76 4.79
CA PHE A 308 -18.65 9.54 5.91
C PHE A 308 -18.61 8.77 7.24
N ALA A 309 -17.64 9.14 8.07
CA ALA A 309 -17.44 8.55 9.40
C ALA A 309 -18.51 9.01 10.32
N ARG A 310 -18.88 8.16 11.29
CA ARG A 310 -19.67 8.66 12.43
C ARG A 310 -18.90 9.58 13.33
N GLY A 311 -17.58 9.43 13.36
CA GLY A 311 -16.74 10.32 14.13
C GLY A 311 -15.28 10.11 13.77
N GLU A 312 -14.46 11.07 14.15
CA GLU A 312 -13.02 11.03 13.82
C GLU A 312 -12.28 11.50 15.06
N VAL A 313 -11.15 10.86 15.38
CA VAL A 313 -10.37 11.17 16.59
C VAL A 313 -8.92 11.41 16.20
N PHE A 314 -8.32 12.46 16.73
CA PHE A 314 -6.90 12.72 16.46
C PHE A 314 -6.10 12.06 17.55
N ILE A 315 -5.14 11.20 17.18
CA ILE A 315 -4.27 10.51 18.13
C ILE A 315 -2.95 11.28 18.13
N GLY A 316 -2.80 12.19 19.09
CA GLY A 316 -1.57 12.97 19.21
C GLY A 316 -0.50 12.28 20.01
N SER A 317 0.51 13.05 20.38
CA SER A 317 1.65 12.53 21.10
C SER A 317 1.51 12.63 22.61
N LYS A 318 2.28 11.80 23.28
CA LYS A 318 2.32 11.81 24.73
C LYS A 318 2.76 13.14 25.28
N GLU A 319 3.58 13.89 24.52
CA GLU A 319 3.96 15.25 24.95
C GLU A 319 2.79 16.21 25.01
N SER A 320 1.69 15.89 24.33
CA SER A 320 0.44 16.68 24.37
C SER A 320 -0.68 16.05 25.22
N GLY A 321 -0.34 15.02 25.97
CA GLY A 321 -1.25 14.43 26.96
C GLY A 321 -2.09 13.29 26.41
N TYR A 322 -1.65 12.65 25.32
CA TYR A 322 -2.36 11.44 24.77
C TYR A 322 -1.73 10.20 25.35
N THR A 323 -2.55 9.23 25.76
CA THR A 323 -2.00 7.94 26.17
C THR A 323 -2.95 6.81 25.78
N VAL A 324 -2.39 5.60 25.75
CA VAL A 324 -3.15 4.39 25.44
C VAL A 324 -2.91 3.37 26.51
N LEU A 325 -3.99 2.72 26.94
CA LEU A 325 -3.93 1.72 27.99
C LEU A 325 -4.69 0.47 27.55
N HIS A 326 -4.13 -0.71 27.84
CA HIS A 326 -4.89 -1.96 27.85
C HIS A 326 -5.97 -1.91 28.94
N GLY A 327 -7.15 -2.44 28.63
CA GLY A 327 -8.21 -2.64 29.60
C GLY A 327 -9.20 -1.51 29.64
N PHE A 328 -10.23 -1.70 30.46
CA PHE A 328 -11.24 -0.69 30.71
C PHE A 328 -11.23 -0.36 32.18
N PRO A 329 -11.74 0.82 32.54
CA PRO A 329 -11.95 1.12 33.94
C PRO A 329 -12.90 0.12 34.62
N PRO A 330 -12.80 0.02 35.96
CA PRO A 330 -13.69 -0.85 36.73
C PRO A 330 -15.18 -0.47 36.62
N SER A 331 -15.45 0.80 36.40
CA SER A 331 -16.81 1.30 36.24
C SER A 331 -17.59 0.64 35.09
N THR A 332 -16.89 0.28 34.01
CA THR A 332 -17.51 0.07 32.68
C THR A 332 -18.53 -1.06 32.55
N GLN A 333 -19.66 -0.75 31.93
CA GLN A 333 -20.70 -1.75 31.70
C GLN A 333 -21.34 -1.59 30.31
N GLY A 334 -21.88 -2.69 29.80
CA GLY A 334 -22.63 -2.73 28.55
C GLY A 334 -21.91 -3.33 27.34
N HIS A 335 -20.61 -3.64 27.47
CA HIS A 335 -19.85 -4.18 26.34
C HIS A 335 -19.89 -5.68 26.36
N HIS A 336 -19.69 -6.27 25.19
CA HIS A 336 -19.67 -7.73 25.11
C HIS A 336 -18.45 -8.31 24.44
N TRP A 337 -17.64 -7.48 23.79
CA TRP A 337 -16.31 -7.92 23.43
C TRP A 337 -15.37 -7.55 24.58
N PRO A 338 -14.54 -8.49 25.02
CA PRO A 338 -14.02 -8.31 26.37
C PRO A 338 -12.64 -7.69 26.46
N HIS A 339 -11.99 -7.44 25.33
CA HIS A 339 -10.60 -6.97 25.32
C HIS A 339 -10.53 -5.48 25.08
N GLY A 340 -10.42 -4.74 26.17
CA GLY A 340 -10.62 -3.31 26.18
C GLY A 340 -9.38 -2.54 25.83
N ILE A 341 -9.58 -1.35 25.27
CA ILE A 341 -8.49 -0.38 25.06
C ILE A 341 -9.05 0.98 25.50
N THR A 342 -8.26 1.73 26.26
CA THR A 342 -8.63 3.06 26.72
C THR A 342 -7.68 4.05 26.03
N ILE A 343 -8.24 5.02 25.30
CA ILE A 343 -7.45 6.11 24.73
C ILE A 343 -7.77 7.38 25.49
N VAL A 344 -6.76 7.99 26.10
CA VAL A 344 -6.95 9.25 26.79
C VAL A 344 -6.48 10.35 25.87
N THR A 345 -7.38 11.27 25.53
CA THR A 345 -7.06 12.49 24.82
C THR A 345 -7.32 13.64 25.82
N PRO A 346 -6.75 14.84 25.57
CA PRO A 346 -7.05 15.96 26.49
C PRO A 346 -8.53 16.21 26.71
N ASP A 347 -9.36 16.01 25.69
CA ASP A 347 -10.78 16.32 25.80
C ASP A 347 -11.68 15.15 26.18
N ARG A 348 -11.19 13.93 26.09
CA ARG A 348 -12.11 12.77 26.20
C ARG A 348 -11.39 11.43 26.41
N LYS A 349 -11.93 10.56 27.25
CA LYS A 349 -11.50 9.18 27.32
C LYS A 349 -12.38 8.35 26.39
N PHE A 350 -11.74 7.64 25.47
CA PHE A 350 -12.40 6.69 24.59
C PHE A 350 -12.19 5.28 25.07
N LEU A 351 -13.25 4.49 25.02
CA LEU A 351 -13.19 3.10 25.39
C LEU A 351 -13.60 2.27 24.19
N PHE A 352 -12.66 1.47 23.68
CA PHE A 352 -12.89 0.54 22.56
C PHE A 352 -12.75 -0.88 23.03
N ALA A 353 -13.58 -1.79 22.52
CA ALA A 353 -13.45 -3.23 22.85
C ALA A 353 -13.23 -4.04 21.57
N CYS A 354 -12.28 -4.98 21.65
CA CYS A 354 -11.91 -5.84 20.57
C CYS A 354 -12.42 -7.27 20.90
N GLU A 355 -12.75 -8.02 19.85
CA GLU A 355 -13.25 -9.38 19.94
C GLU A 355 -12.16 -10.37 20.32
N THR A 356 -10.93 -10.12 19.91
CA THR A 356 -9.83 -11.02 20.24
C THR A 356 -8.63 -10.27 20.86
N GLU A 357 -7.76 -11.04 21.49
CA GLU A 357 -6.57 -10.46 22.11
C GLU A 357 -5.54 -10.10 21.06
N SER A 358 -5.51 -10.87 19.96
CA SER A 358 -4.56 -10.61 18.88
C SER A 358 -4.90 -9.25 18.26
N ASP A 359 -6.18 -8.98 18.08
CA ASP A 359 -6.60 -7.69 17.55
C ASP A 359 -6.33 -6.58 18.57
N GLN A 360 -6.63 -6.82 19.84
CA GLN A 360 -6.35 -5.81 20.88
C GLN A 360 -4.86 -5.44 20.84
N ARG A 361 -3.99 -6.45 20.74
CA ARG A 361 -2.57 -6.20 20.72
C ARG A 361 -2.15 -5.36 19.55
N GLU A 362 -2.70 -5.67 18.38
CA GLU A 362 -2.35 -4.94 17.15
C GLU A 362 -2.87 -3.51 17.21
N TRP A 363 -4.11 -3.32 17.69
CA TRP A 363 -4.64 -1.94 17.90
C TRP A 363 -3.82 -1.13 18.88
N VAL A 364 -3.48 -1.73 20.03
CA VAL A 364 -2.72 -0.98 21.05
C VAL A 364 -1.38 -0.58 20.42
N ALA A 365 -0.78 -1.50 19.67
CA ALA A 365 0.52 -1.21 19.05
C ALA A 365 0.46 -0.07 18.05
N ALA A 366 -0.63 0.06 17.30
CA ALA A 366 -0.79 1.11 16.31
C ALA A 366 -0.98 2.45 17.03
N PHE A 367 -1.84 2.45 18.05
CA PHE A 367 -2.07 3.67 18.86
C PHE A 367 -0.80 4.10 19.60
N GLN A 368 -0.04 3.12 20.12
CA GLN A 368 1.18 3.41 20.90
C GLN A 368 2.24 4.02 19.97
N LYS A 369 2.32 3.54 18.74
CA LYS A 369 3.32 4.11 17.79
C LYS A 369 3.06 5.60 17.57
N ALA A 370 1.78 5.96 17.43
CA ALA A 370 1.38 7.36 17.24
C ALA A 370 1.66 8.21 18.50
N VAL A 371 1.28 7.72 19.66
CA VAL A 371 1.54 8.44 20.91
C VAL A 371 3.04 8.65 21.18
N ASP A 372 3.85 7.63 20.85
CA ASP A 372 5.30 7.70 21.10
C ASP A 372 6.10 8.53 20.09
N ARG A 373 5.48 8.97 19.01
CA ARG A 373 6.19 9.73 17.99
C ARG A 373 5.91 11.25 18.18
N PRO A 374 6.97 12.08 18.24
CA PRO A 374 6.72 13.50 18.35
C PRO A 374 5.97 14.05 17.16
N MET A 375 5.14 15.04 17.45
CA MET A 375 4.36 15.65 16.43
C MET A 375 5.26 16.45 15.49
N LEU A 376 4.87 16.50 14.22
CA LEU A 376 5.56 17.30 13.22
C LEU A 376 4.92 18.69 13.20
N PRO A 377 5.64 19.69 12.65
CA PRO A 377 5.10 21.06 12.67
C PRO A 377 3.68 21.17 12.13
N GLN A 378 3.46 20.51 10.99
CA GLN A 378 2.19 20.57 10.27
C GLN A 378 1.03 19.92 11.06
N GLU A 379 1.37 19.02 11.98
CA GLU A 379 0.33 18.28 12.72
C GLU A 379 -0.32 19.12 13.84
N TYR A 380 0.36 20.17 14.28
CA TYR A 380 -0.25 21.07 15.30
C TYR A 380 -1.51 21.76 14.78
N ALA A 381 -1.47 22.27 13.56
CA ALA A 381 -2.68 22.90 13.03
C ALA A 381 -3.80 21.86 12.79
N VAL A 382 -3.41 20.64 12.41
CA VAL A 382 -4.36 19.56 12.19
C VAL A 382 -5.09 19.27 13.49
N GLU A 383 -4.33 19.14 14.59
CA GLU A 383 -4.87 18.85 15.90
C GLU A 383 -5.87 19.90 16.33
N ALA A 384 -5.50 21.15 16.10
CA ALA A 384 -6.34 22.33 16.41
C ALA A 384 -7.75 22.26 15.83
N HIS A 385 -7.93 21.61 14.67
CA HIS A 385 -9.23 21.52 13.98
C HIS A 385 -10.28 20.63 14.65
N PHE A 386 -9.84 19.60 15.39
CA PHE A 386 -10.77 18.61 15.97
C PHE A 386 -11.66 19.19 17.08
ZN ZN B . 8.14 -11.94 -4.71
C1 IP9 C . -24.52 7.95 21.08
O1 IP9 C . -25.28 7.22 22.02
C2 IP9 C . -23.41 7.07 20.46
O2 IP9 C . -22.68 6.43 21.50
C3 IP9 C . -22.46 7.94 19.61
O3 IP9 C . -21.48 7.08 19.00
C4 IP9 C . -21.85 9.03 20.44
O4 IP9 C . -21.03 9.90 19.66
C5 IP9 C . -22.97 9.91 20.98
O5 IP9 C . -22.38 10.91 21.79
C6 IP9 C . -23.93 9.10 21.85
O6 IP9 C . -25.01 9.94 22.35
P1 IP9 C . -26.73 6.58 21.65
O1P IP9 C . -27.86 7.31 22.26
O2P IP9 C . -26.58 4.97 22.20
O3P IP9 C . -26.90 6.52 20.04
P3 IP9 C . -21.40 7.07 17.34
O4P IP9 C . -21.04 8.46 16.78
O5P IP9 C . -20.28 5.93 17.04
O6P IP9 C . -22.81 6.59 16.79
P4 IP9 C . -19.45 9.83 19.57
O7P IP9 C . -18.92 8.69 20.60
O8P IP9 C . -19.05 9.48 18.17
O9P IP9 C . -18.93 11.23 19.99
P5 IP9 C . -22.17 12.46 21.32
OPF IP9 C . -22.71 13.38 22.39
OPG IP9 C . -22.78 12.57 19.86
OPH IP9 C . -20.54 12.71 21.27
C1 IP9 D . -26.63 10.70 -5.55
O1 IP9 D . -27.72 9.75 -5.40
C2 IP9 D . -25.49 10.00 -6.28
O2 IP9 D . -25.13 8.85 -5.56
C3 IP9 D . -24.28 10.93 -6.34
O3 IP9 D . -23.19 10.19 -6.87
C4 IP9 D . -23.90 11.41 -4.96
O4 IP9 D . -22.88 12.40 -5.09
C5 IP9 D . -25.06 12.10 -4.27
O5 IP9 D . -24.64 12.45 -3.00
C6 IP9 D . -26.22 11.13 -4.14
O6 IP9 D . -27.30 11.82 -3.50
P3 IP9 D . -22.55 10.70 -8.25
O4P IP9 D . -21.86 12.04 -8.14
O5P IP9 D . -21.60 9.50 -8.68
O6P IP9 D . -23.74 10.82 -9.32
P4 IP9 D . -21.32 11.97 -4.70
O7P IP9 D . -20.94 13.02 -3.60
O8P IP9 D . -21.18 10.56 -4.30
O9P IP9 D . -20.49 12.43 -5.96
P5 IP9 D . -24.33 13.96 -2.54
OPF IP9 D . -25.21 14.21 -1.36
OPG IP9 D . -24.40 14.89 -3.75
OPH IP9 D . -22.79 13.90 -2.07
#